data_4WRW
#
_entry.id   4WRW
#
_cell.length_a   45.710
_cell.length_b   63.910
_cell.length_c   86.470
_cell.angle_alpha   90.00
_cell.angle_beta   90.00
_cell.angle_gamma   90.00
#
_symmetry.space_group_name_H-M   'P 21 21 21'
#
loop_
_entity.id
_entity.type
_entity.pdbx_description
1 polymer 'Uracil-DNA glycosylase'
2 non-polymer 'CHLORIDE ION'
3 non-polymer GLYCEROL
4 water water
#
_entity_poly.entity_id   1
_entity_poly.type   'polypeptide(L)'
_entity_poly.pdbx_seq_one_letter_code
;MHHHHHHGMASMTARPLSELVERGWAAALEPVADQVAHMGQFLRAEIAAGRRYLPAGSNVLRAFTFPFDNVRVLIVGQDP
YPTPGHAVGLSFSVAPDVRPWPRSLANIFDEYTADLGYPLPSNGDLTPWAQRGVLLLNRVLTVRPSNPASHRGKGWEAVT
ECAIRALAARAAPLVAILWGRDASTLKPMLAAGNCVAIESPHPSPLSASRGFFGSRPFSRANELLVGMGAEPIDWRLP
;
_entity_poly.pdbx_strand_id   A
#
loop_
_chem_comp.id
_chem_comp.type
_chem_comp.name
_chem_comp.formula
CL non-polymer 'CHLORIDE ION' 'Cl -1'
GOL non-polymer GLYCEROL 'C3 H8 O3'
#
# COMPACT_ATOMS: atom_id res chain seq x y z
N ARG A 15 11.41 13.12 14.88
CA ARG A 15 10.32 14.12 14.55
C ARG A 15 8.93 13.59 14.92
N PRO A 16 8.02 14.43 15.44
CA PRO A 16 6.66 13.92 15.74
C PRO A 16 5.80 13.57 14.52
N LEU A 17 4.72 12.83 14.76
CA LEU A 17 3.84 12.37 13.66
C LEU A 17 3.39 13.46 12.72
N SER A 18 2.97 14.60 13.26
CA SER A 18 2.40 15.65 12.45
C SER A 18 3.42 16.22 11.46
N GLU A 19 4.71 16.04 11.78
CA GLU A 19 5.76 16.46 10.85
C GLU A 19 6.10 15.37 9.83
N LEU A 20 5.62 14.16 10.03
CA LEU A 20 6.03 13.06 9.15
C LEU A 20 4.96 12.72 8.12
N VAL A 21 3.71 13.02 8.40
CA VAL A 21 2.57 12.56 7.58
C VAL A 21 1.54 13.68 7.41
N GLU A 22 0.61 13.49 6.50
CA GLU A 22 -0.45 14.46 6.21
C GLU A 22 -1.37 14.61 7.45
N ARG A 23 -1.91 15.79 7.64
CA ARG A 23 -2.64 16.13 8.84
C ARG A 23 -3.78 15.12 9.23
N GLY A 24 -4.61 14.69 8.28
CA GLY A 24 -5.63 13.69 8.57
C GLY A 24 -5.02 12.39 9.01
N TRP A 25 -3.93 12.00 8.33
CA TRP A 25 -3.22 10.78 8.74
C TRP A 25 -2.60 10.89 10.12
N ALA A 26 -2.12 12.09 10.47
CA ALA A 26 -1.51 12.31 11.81
C ALA A 26 -2.55 12.07 12.92
N ALA A 27 -3.78 12.53 12.67
CA ALA A 27 -4.87 12.31 13.61
C ALA A 27 -5.31 10.85 13.66
N ALA A 28 -5.49 10.22 12.48
CA ALA A 28 -5.87 8.81 12.40
C ALA A 28 -4.86 7.91 13.07
N LEU A 29 -3.58 8.24 12.95
CA LEU A 29 -2.55 7.37 13.48
C LEU A 29 -2.04 7.80 14.87
N GLU A 30 -2.72 8.74 15.55
CA GLU A 30 -2.28 9.19 16.84
C GLU A 30 -2.15 8.07 17.85
N PRO A 31 -3.05 7.01 17.80
CA PRO A 31 -2.87 5.89 18.76
C PRO A 31 -1.51 5.13 18.64
N VAL A 32 -0.86 5.20 17.46
CA VAL A 32 0.41 4.52 17.20
C VAL A 32 1.57 5.47 17.10
N ALA A 33 1.38 6.70 17.56
CA ALA A 33 2.48 7.62 17.69
C ALA A 33 3.65 7.01 18.42
N ASP A 34 3.37 6.29 19.52
CA ASP A 34 4.47 5.68 20.32
C ASP A 34 5.13 4.55 19.54
N GLN A 35 4.33 3.78 18.82
CA GLN A 35 4.87 2.67 18.06
C GLN A 35 5.72 3.19 16.86
N VAL A 36 5.30 4.28 16.26
CA VAL A 36 6.09 4.87 15.18
C VAL A 36 7.46 5.35 15.73
N ALA A 37 7.46 5.98 16.90
CA ALA A 37 8.72 6.41 17.52
C ALA A 37 9.60 5.23 17.84
N HIS A 38 9.01 4.15 18.31
CA HIS A 38 9.74 2.90 18.59
C HIS A 38 10.34 2.29 17.27
N MET A 39 9.59 2.31 16.19
CA MET A 39 10.14 1.83 14.89
C MET A 39 11.30 2.70 14.38
N GLY A 40 11.27 4.00 14.62
CA GLY A 40 12.35 4.89 14.29
C GLY A 40 13.61 4.47 15.06
N GLN A 41 13.42 4.07 16.33
CA GLN A 41 14.53 3.60 17.18
C GLN A 41 15.05 2.28 16.68
N PHE A 42 14.16 1.41 16.23
CA PHE A 42 14.56 0.14 15.59
C PHE A 42 15.41 0.35 14.34
N LEU A 43 14.98 1.25 13.49
CA LEU A 43 15.70 1.59 12.30
C LEU A 43 17.06 2.20 12.66
N ARG A 44 17.15 3.16 13.59
CA ARG A 44 18.52 3.61 14.05
C ARG A 44 19.36 2.47 14.49
N ALA A 45 18.82 1.52 15.27
CA ALA A 45 19.62 0.42 15.74
C ALA A 45 20.11 -0.52 14.62
N GLU A 46 19.33 -0.69 13.54
CA GLU A 46 19.77 -1.50 12.41
C GLU A 46 21.00 -0.82 11.79
N ILE A 47 20.92 0.49 11.58
CA ILE A 47 22.12 1.23 11.05
C ILE A 47 23.32 1.16 12.02
N ALA A 48 23.08 1.40 13.31
CA ALA A 48 24.16 1.20 14.30
C ALA A 48 24.76 -0.23 14.25
N ALA A 49 23.92 -1.22 13.94
CA ALA A 49 24.43 -2.59 13.86
C ALA A 49 25.09 -2.96 12.59
N GLY A 50 25.05 -2.09 11.59
CA GLY A 50 25.66 -2.39 10.31
C GLY A 50 24.75 -3.10 9.33
N ARG A 51 23.43 -2.95 9.53
CA ARG A 51 22.50 -3.46 8.57
C ARG A 51 21.84 -2.33 7.83
N ARG A 52 21.42 -2.61 6.62
CA ARG A 52 20.72 -1.62 5.77
C ARG A 52 19.20 -1.89 5.84
N TYR A 53 18.42 -0.89 5.40
CA TYR A 53 16.98 -1.09 5.24
C TYR A 53 16.49 -0.29 4.02
N LEU A 54 15.34 -0.71 3.50
CA LEU A 54 14.65 -0.08 2.33
C LEU A 54 13.19 0.08 2.75
N PRO A 55 12.49 1.14 2.25
CA PRO A 55 13.08 2.21 1.45
C PRO A 55 13.93 3.17 2.37
N ALA A 56 14.42 4.20 1.75
CA ALA A 56 15.06 5.32 2.40
C ALA A 56 14.17 5.84 3.54
N GLY A 57 14.83 6.19 4.64
CA GLY A 57 14.16 6.74 5.83
C GLY A 57 13.06 7.74 5.55
N SER A 58 13.33 8.66 4.62
CA SER A 58 12.40 9.71 4.32
C SER A 58 11.17 9.23 3.47
N ASN A 59 11.21 8.02 2.93
CA ASN A 59 10.06 7.43 2.21
C ASN A 59 9.29 6.39 2.98
N VAL A 60 9.74 6.01 4.18
CA VAL A 60 9.06 4.91 4.90
C VAL A 60 7.54 5.08 5.07
N LEU A 61 7.12 6.28 5.57
CA LEU A 61 5.74 6.67 5.79
C LEU A 61 5.09 7.44 4.60
N ARG A 62 5.69 7.34 3.42
CA ARG A 62 5.23 8.13 2.24
C ARG A 62 3.79 7.87 1.83
N ALA A 63 3.27 6.68 2.10
CA ALA A 63 1.89 6.37 1.78
C ALA A 63 0.89 7.26 2.55
N PHE A 64 1.36 7.76 3.69
CA PHE A 64 0.54 8.62 4.57
C PHE A 64 0.73 10.09 4.39
N THR A 65 1.37 10.48 3.29
CA THR A 65 1.56 11.85 2.98
C THR A 65 0.60 12.27 1.92
N PHE A 66 -0.45 11.49 1.63
CA PHE A 66 -1.58 11.92 0.79
C PHE A 66 -2.80 11.92 1.72
N PRO A 67 -3.80 12.76 1.43
CA PRO A 67 -4.88 13.06 2.36
C PRO A 67 -5.72 11.88 2.77
N PHE A 68 -5.74 11.62 4.08
CA PHE A 68 -6.54 10.55 4.70
C PHE A 68 -8.01 10.62 4.23
N ASP A 69 -8.57 11.82 4.31
CA ASP A 69 -9.97 12.02 4.00
C ASP A 69 -10.36 11.60 2.56
N ASN A 70 -9.37 11.56 1.69
CA ASN A 70 -9.59 11.20 0.31
C ASN A 70 -9.44 9.76 -0.10
N VAL A 71 -8.94 8.94 0.79
CA VAL A 71 -8.73 7.55 0.45
C VAL A 71 -10.08 6.83 0.22
N ARG A 72 -10.23 6.15 -0.94
CA ARG A 72 -11.37 5.34 -1.27
C ARG A 72 -10.97 3.95 -1.61
N VAL A 73 -9.73 3.75 -2.07
CA VAL A 73 -9.21 2.41 -2.32
C VAL A 73 -7.93 2.18 -1.50
N LEU A 74 -7.86 0.98 -0.91
CA LEU A 74 -6.65 0.50 -0.19
C LEU A 74 -6.04 -0.64 -1.05
N ILE A 75 -4.75 -0.55 -1.45
CA ILE A 75 -4.05 -1.70 -2.08
C ILE A 75 -2.98 -2.08 -1.09
N VAL A 76 -2.93 -3.35 -0.63
CA VAL A 76 -1.98 -3.75 0.42
C VAL A 76 -1.07 -4.85 -0.14
N GLY A 77 0.25 -4.66 -0.01
CA GLY A 77 1.19 -5.71 -0.22
C GLY A 77 1.84 -6.18 1.10
N GLN A 78 2.78 -7.10 0.95
CA GLN A 78 3.43 -7.72 2.07
C GLN A 78 4.46 -6.78 2.73
N ASP A 79 5.44 -6.36 1.94
CA ASP A 79 6.57 -5.57 2.47
C ASP A 79 7.26 -4.92 1.26
N PRO A 80 8.22 -3.98 1.49
CA PRO A 80 8.78 -3.26 0.31
C PRO A 80 9.58 -4.13 -0.63
N TYR A 81 9.82 -3.66 -1.87
CA TYR A 81 10.69 -4.40 -2.78
C TYR A 81 12.02 -4.59 -2.08
N PRO A 82 12.64 -5.80 -2.17
CA PRO A 82 13.96 -6.04 -1.49
C PRO A 82 15.21 -5.62 -2.29
N THR A 83 14.98 -5.14 -3.52
CA THR A 83 16.04 -4.79 -4.43
C THR A 83 16.29 -3.32 -4.19
N PRO A 84 17.57 -2.97 -3.87
CA PRO A 84 17.94 -1.60 -3.67
C PRO A 84 17.53 -0.70 -4.86
N GLY A 85 16.96 0.44 -4.52
CA GLY A 85 16.46 1.38 -5.50
C GLY A 85 15.06 1.18 -6.04
N HIS A 86 14.44 0.04 -5.80
CA HIS A 86 13.06 -0.20 -6.24
C HIS A 86 12.02 0.45 -5.27
N ALA A 87 12.10 0.12 -3.99
CA ALA A 87 11.10 0.59 -3.02
C ALA A 87 11.25 2.08 -2.82
N VAL A 88 10.11 2.77 -2.89
CA VAL A 88 10.02 4.20 -2.72
C VAL A 88 8.98 4.64 -1.69
N GLY A 89 8.43 3.70 -0.88
CA GLY A 89 7.40 4.08 0.12
C GLY A 89 5.94 4.01 -0.34
N LEU A 90 5.72 3.61 -1.59
CA LEU A 90 4.35 3.40 -2.10
C LEU A 90 4.36 1.98 -2.57
N SER A 91 3.51 1.14 -2.00
CA SER A 91 3.54 -0.28 -2.36
C SER A 91 3.51 -0.44 -3.85
N PHE A 92 4.36 -1.39 -4.36
CA PHE A 92 4.38 -1.79 -5.77
C PHE A 92 4.95 -0.75 -6.76
N SER A 93 5.03 0.53 -6.41
CA SER A 93 5.59 1.54 -7.26
C SER A 93 7.11 1.53 -7.37
N VAL A 94 7.62 2.13 -8.45
CA VAL A 94 9.02 2.49 -8.55
C VAL A 94 9.18 3.90 -9.03
N ALA A 95 10.37 4.49 -8.89
CA ALA A 95 10.64 5.80 -9.41
C ALA A 95 10.53 5.82 -10.93
N PRO A 96 10.25 7.00 -11.50
CA PRO A 96 10.01 7.04 -12.93
C PRO A 96 11.16 6.62 -13.85
N ASP A 97 12.40 6.71 -13.38
CA ASP A 97 13.54 6.33 -14.17
C ASP A 97 14.03 4.88 -13.94
N VAL A 98 13.29 4.11 -13.10
CA VAL A 98 13.64 2.75 -12.85
C VAL A 98 13.21 1.85 -13.99
N ARG A 99 14.13 0.99 -14.41
CA ARG A 99 13.81 0.03 -15.49
C ARG A 99 14.82 -1.09 -15.51
N PRO A 100 14.41 -2.27 -15.91
CA PRO A 100 13.10 -2.82 -16.18
C PRO A 100 12.25 -2.69 -14.89
N TRP A 101 10.93 -2.71 -15.07
CA TRP A 101 10.00 -2.82 -13.95
C TRP A 101 10.19 -4.14 -13.22
N PRO A 102 10.09 -4.13 -11.89
CA PRO A 102 9.97 -5.39 -11.19
C PRO A 102 8.83 -6.21 -11.75
N ARG A 103 8.98 -7.52 -11.66
CA ARG A 103 7.93 -8.48 -12.07
C ARG A 103 6.58 -8.23 -11.47
N SER A 104 6.50 -7.90 -10.19
CA SER A 104 5.17 -7.64 -9.63
C SER A 104 4.51 -6.53 -10.40
N LEU A 105 5.28 -5.48 -10.65
CA LEU A 105 4.73 -4.30 -11.33
C LEU A 105 4.39 -4.55 -12.78
N ALA A 106 5.26 -5.28 -13.50
CA ALA A 106 4.90 -5.68 -14.85
C ALA A 106 3.60 -6.46 -14.88
N ASN A 107 3.38 -7.35 -13.92
CA ASN A 107 2.14 -8.11 -13.85
C ASN A 107 0.93 -7.28 -13.56
N ILE A 108 1.05 -6.37 -12.59
CA ILE A 108 -0.01 -5.38 -12.32
C ILE A 108 -0.39 -4.63 -13.58
N PHE A 109 0.64 -4.12 -14.29
CA PHE A 109 0.41 -3.38 -15.54
C PHE A 109 -0.23 -4.22 -16.67
N ASP A 110 0.14 -5.48 -16.77
CA ASP A 110 -0.60 -6.32 -17.67
C ASP A 110 -2.11 -6.37 -17.34
N GLU A 111 -2.41 -6.58 -16.07
CA GLU A 111 -3.80 -6.63 -15.59
C GLU A 111 -4.55 -5.29 -15.76
N TYR A 112 -3.83 -4.19 -15.57
CA TYR A 112 -4.30 -2.83 -15.81
C TYR A 112 -4.78 -2.70 -17.28
N THR A 113 -3.96 -3.17 -18.21
CA THR A 113 -4.28 -3.02 -19.63
C THR A 113 -5.46 -3.96 -19.99
N ALA A 114 -5.48 -5.16 -19.41
CA ALA A 114 -6.50 -6.15 -19.72
C ALA A 114 -7.84 -5.78 -19.15
N ASP A 115 -7.81 -5.25 -17.95
CA ASP A 115 -9.04 -4.93 -17.22
C ASP A 115 -9.63 -3.66 -17.79
N LEU A 116 -8.82 -2.64 -17.93
CA LEU A 116 -9.35 -1.34 -18.26
C LEU A 116 -9.22 -0.94 -19.71
N GLY A 117 -8.36 -1.60 -20.46
CA GLY A 117 -8.23 -1.23 -21.87
C GLY A 117 -7.28 -0.09 -22.21
N TYR A 118 -6.61 0.46 -21.22
CA TYR A 118 -5.65 1.54 -21.40
C TYR A 118 -4.33 1.04 -21.88
N PRO A 119 -3.56 1.88 -22.63
CA PRO A 119 -2.26 1.41 -22.96
C PRO A 119 -1.31 1.21 -21.77
N LEU A 120 -0.27 0.44 -22.03
CA LEU A 120 0.77 0.26 -21.04
C LEU A 120 1.30 1.61 -20.58
N PRO A 121 1.45 1.75 -19.29
CA PRO A 121 2.08 2.98 -18.75
C PRO A 121 3.46 3.26 -19.30
N SER A 122 3.82 4.53 -19.29
CA SER A 122 5.16 4.92 -19.72
C SER A 122 6.22 4.69 -18.68
N ASN A 123 5.90 4.63 -17.38
CA ASN A 123 6.95 4.37 -16.37
C ASN A 123 6.25 3.70 -15.23
N GLY A 124 7.03 3.30 -14.22
CA GLY A 124 6.49 2.52 -13.10
C GLY A 124 6.03 3.32 -11.88
N ASP A 125 5.80 4.60 -12.04
CA ASP A 125 5.49 5.51 -10.88
C ASP A 125 3.97 5.58 -10.66
N LEU A 126 3.51 5.03 -9.51
CA LEU A 126 2.11 4.97 -9.15
C LEU A 126 1.66 6.24 -8.31
N THR A 127 2.54 7.23 -8.20
CA THR A 127 2.21 8.48 -7.52
C THR A 127 0.79 8.99 -7.99
N PRO A 128 0.45 8.96 -9.31
CA PRO A 128 -0.95 9.40 -9.70
C PRO A 128 -2.08 8.72 -8.92
N TRP A 129 -1.99 7.42 -8.75
CA TRP A 129 -2.99 6.68 -7.90
C TRP A 129 -3.05 7.25 -6.48
N ALA A 130 -1.90 7.39 -5.85
CA ALA A 130 -1.85 7.95 -4.54
C ALA A 130 -2.48 9.36 -4.39
N GLN A 131 -2.19 10.24 -5.36
CA GLN A 131 -2.74 11.56 -5.38
C GLN A 131 -4.28 11.51 -5.72
N ARG A 132 -4.83 10.39 -6.11
CA ARG A 132 -6.23 10.32 -6.42
C ARG A 132 -7.02 9.53 -5.36
N GLY A 133 -6.38 9.21 -4.24
CA GLY A 133 -7.06 8.46 -3.18
C GLY A 133 -6.99 6.95 -3.12
N VAL A 134 -5.91 6.39 -3.68
CA VAL A 134 -5.54 5.04 -3.42
C VAL A 134 -4.37 5.08 -2.39
N LEU A 135 -4.57 4.35 -1.30
CA LEU A 135 -3.54 4.11 -0.31
C LEU A 135 -2.74 2.90 -0.75
N LEU A 136 -1.43 3.11 -1.02
CA LEU A 136 -0.49 2.05 -1.51
C LEU A 136 0.28 1.60 -0.31
N LEU A 137 -0.37 0.72 0.46
CA LEU A 137 0.12 0.23 1.74
C LEU A 137 0.81 -1.13 1.70
N ASN A 138 1.91 -1.29 2.46
CA ASN A 138 2.50 -2.58 2.72
C ASN A 138 2.27 -2.91 4.19
N ARG A 139 1.94 -4.14 4.50
CA ARG A 139 1.69 -4.55 5.87
C ARG A 139 2.93 -4.25 6.78
N VAL A 140 4.13 -4.41 6.24
CA VAL A 140 5.38 -4.15 6.91
C VAL A 140 6.08 -3.08 6.03
N LEU A 141 6.56 -2.01 6.64
CA LEU A 141 7.01 -0.83 5.91
C LEU A 141 8.53 -0.70 5.65
N THR A 142 9.32 -1.65 6.18
CA THR A 142 10.74 -1.72 5.81
C THR A 142 11.10 -3.18 5.53
N VAL A 143 12.28 -3.33 4.93
CA VAL A 143 12.90 -4.62 4.62
C VAL A 143 14.45 -4.45 4.53
N ARG A 144 15.18 -5.48 4.89
CA ARG A 144 16.62 -5.54 4.70
C ARG A 144 16.85 -5.96 3.22
N PRO A 145 17.81 -5.29 2.52
CA PRO A 145 18.03 -5.55 1.12
C PRO A 145 18.29 -7.05 0.84
N SER A 146 17.59 -7.54 -0.20
CA SER A 146 17.71 -8.90 -0.74
C SER A 146 17.14 -9.97 0.21
N ASN A 147 16.38 -9.57 1.23
CA ASN A 147 15.86 -10.52 2.24
C ASN A 147 14.39 -10.24 2.49
N PRO A 148 13.52 -10.75 1.63
CA PRO A 148 12.08 -10.49 1.82
C PRO A 148 11.55 -11.01 3.15
N ALA A 149 10.68 -10.23 3.78
CA ALA A 149 10.05 -10.53 5.05
C ALA A 149 11.01 -10.46 6.23
N SER A 150 12.17 -9.85 6.05
CA SER A 150 13.16 -9.75 7.09
C SER A 150 12.72 -8.85 8.25
N HIS A 151 11.87 -7.84 8.04
CA HIS A 151 11.32 -7.06 9.15
C HIS A 151 9.89 -7.45 9.61
N ARG A 152 9.41 -8.59 9.14
CA ARG A 152 8.12 -9.12 9.64
C ARG A 152 8.23 -9.41 11.18
N GLY A 153 7.23 -8.93 11.92
CA GLY A 153 7.11 -9.14 13.36
C GLY A 153 8.04 -8.26 14.13
N LYS A 154 8.50 -7.14 13.57
CA LYS A 154 9.33 -6.24 14.30
C LYS A 154 8.57 -5.04 14.85
N GLY A 155 7.26 -4.97 14.59
CA GLY A 155 6.45 -3.91 15.15
C GLY A 155 5.76 -3.01 14.16
N TRP A 156 6.03 -3.13 12.85
CA TRP A 156 5.24 -2.36 11.89
C TRP A 156 3.77 -2.80 11.83
N GLU A 157 3.50 -4.06 12.14
CA GLU A 157 2.11 -4.58 12.01
C GLU A 157 1.10 -3.76 12.84
N ALA A 158 1.46 -3.29 14.02
CA ALA A 158 0.53 -2.46 14.85
C ALA A 158 0.22 -1.13 14.19
N VAL A 159 1.26 -0.54 13.55
CA VAL A 159 1.09 0.66 12.72
C VAL A 159 0.09 0.51 11.57
N THR A 160 0.27 -0.53 10.74
CA THR A 160 -0.51 -0.68 9.55
C THR A 160 -1.89 -1.22 9.90
N GLU A 161 -2.01 -1.96 11.01
CA GLU A 161 -3.30 -2.37 11.49
C GLU A 161 -4.07 -1.10 11.92
N CYS A 162 -3.39 -0.14 12.56
CA CYS A 162 -4.06 1.10 13.01
C CYS A 162 -4.56 1.92 11.79
N ALA A 163 -3.72 2.01 10.76
CA ALA A 163 -4.08 2.70 9.56
C ALA A 163 -5.38 2.10 8.94
N ILE A 164 -5.42 0.78 8.88
N ILE A 164 -5.42 0.77 8.85
CA ILE A 164 -6.53 0.08 8.26
CA ILE A 164 -6.55 0.04 8.27
C ILE A 164 -7.81 0.21 9.09
C ILE A 164 -7.82 0.24 9.10
N ARG A 165 -7.68 0.05 10.41
CA ARG A 165 -8.83 0.24 11.30
C ARG A 165 -9.36 1.69 11.31
N ALA A 166 -8.45 2.66 11.22
CA ALA A 166 -8.87 4.07 11.18
C ALA A 166 -9.66 4.30 9.89
N LEU A 167 -9.23 3.73 8.76
CA LEU A 167 -9.97 3.97 7.52
C LEU A 167 -11.36 3.29 7.62
N ALA A 168 -11.37 2.10 8.23
CA ALA A 168 -12.61 1.30 8.35
C ALA A 168 -13.61 1.93 9.29
N ALA A 169 -13.12 2.72 10.20
CA ALA A 169 -13.96 3.47 11.11
C ALA A 169 -14.62 4.68 10.51
N ARG A 170 -14.18 5.20 9.37
CA ARG A 170 -14.84 6.35 8.76
C ARG A 170 -16.23 5.93 8.25
N ALA A 171 -17.13 6.87 8.14
CA ALA A 171 -18.45 6.53 7.51
C ALA A 171 -18.34 6.18 6.01
N ALA A 172 -17.34 6.78 5.39
CA ALA A 172 -17.17 6.79 3.98
C ALA A 172 -16.86 5.41 3.31
N PRO A 173 -17.29 5.25 2.03
CA PRO A 173 -16.96 4.01 1.34
C PRO A 173 -15.43 3.74 1.21
N LEU A 174 -15.10 2.46 1.30
CA LEU A 174 -13.77 1.99 1.08
C LEU A 174 -13.81 0.66 0.40
N VAL A 175 -12.92 0.48 -0.56
CA VAL A 175 -12.66 -0.84 -1.20
C VAL A 175 -11.20 -1.26 -0.92
N ALA A 176 -11.03 -2.47 -0.39
CA ALA A 176 -9.74 -3.07 -0.18
C ALA A 176 -9.39 -4.10 -1.25
N ILE A 177 -8.14 -4.00 -1.70
CA ILE A 177 -7.47 -4.95 -2.57
C ILE A 177 -6.23 -5.46 -1.81
N LEU A 178 -6.27 -6.75 -1.43
CA LEU A 178 -5.29 -7.41 -0.61
C LEU A 178 -4.49 -8.35 -1.49
N TRP A 179 -3.23 -8.03 -1.72
CA TRP A 179 -2.41 -8.79 -2.67
C TRP A 179 -1.48 -9.68 -1.81
N GLY A 180 -1.85 -10.97 -1.71
CA GLY A 180 -1.05 -11.98 -0.97
C GLY A 180 -1.48 -12.34 0.44
N ARG A 181 -0.80 -13.33 1.02
CA ARG A 181 -1.15 -13.87 2.37
C ARG A 181 -1.03 -12.85 3.47
N ASP A 182 0.07 -12.13 3.51
CA ASP A 182 0.20 -11.13 4.63
C ASP A 182 -0.93 -10.05 4.59
N ALA A 183 -1.08 -9.35 3.45
CA ALA A 183 -2.29 -8.56 3.13
C ALA A 183 -3.61 -9.15 3.58
N SER A 184 -3.89 -10.39 3.16
CA SER A 184 -5.22 -11.00 3.42
C SER A 184 -5.54 -11.17 4.91
N THR A 185 -4.52 -11.09 5.80
CA THR A 185 -4.78 -11.09 7.29
C THR A 185 -5.64 -9.88 7.76
N LEU A 186 -5.69 -8.86 6.93
CA LEU A 186 -6.40 -7.70 7.26
C LEU A 186 -7.89 -7.87 6.97
N LYS A 187 -8.29 -8.96 6.32
CA LYS A 187 -9.67 -9.02 5.88
C LYS A 187 -10.69 -8.85 7.04
N PRO A 188 -10.49 -9.56 8.14
CA PRO A 188 -11.46 -9.45 9.25
C PRO A 188 -11.44 -8.09 9.95
N MET A 189 -10.30 -7.39 9.93
CA MET A 189 -10.22 -6.08 10.54
C MET A 189 -11.00 -5.16 9.64
N LEU A 190 -10.89 -5.39 8.33
CA LEU A 190 -11.62 -4.48 7.41
C LEU A 190 -13.15 -4.74 7.46
N ALA A 191 -13.52 -6.00 7.57
CA ALA A 191 -14.94 -6.39 7.53
C ALA A 191 -15.71 -5.85 8.73
N ALA A 192 -14.98 -5.51 9.79
CA ALA A 192 -15.54 -4.90 11.03
C ALA A 192 -16.14 -3.52 10.79
N GLY A 193 -15.67 -2.83 9.75
CA GLY A 193 -16.20 -1.51 9.46
C GLY A 193 -17.42 -1.58 8.58
N ASN A 194 -18.25 -0.54 8.69
CA ASN A 194 -19.39 -0.37 7.81
C ASN A 194 -18.86 0.29 6.51
N CYS A 195 -19.56 0.01 5.41
CA CYS A 195 -19.24 0.56 4.07
C CYS A 195 -17.82 0.16 3.58
N VAL A 196 -17.36 -1.01 4.00
CA VAL A 196 -16.07 -1.52 3.53
C VAL A 196 -16.28 -2.78 2.74
N ALA A 197 -15.84 -2.77 1.49
CA ALA A 197 -15.92 -3.96 0.66
C ALA A 197 -14.52 -4.48 0.38
N ILE A 198 -14.32 -5.79 0.46
CA ILE A 198 -12.99 -6.37 0.30
C ILE A 198 -13.03 -7.28 -0.90
N GLU A 199 -12.18 -7.02 -1.86
CA GLU A 199 -12.10 -7.90 -3.01
C GLU A 199 -11.47 -9.22 -2.62
N SER A 200 -12.18 -10.29 -2.99
CA SER A 200 -11.65 -11.61 -2.86
C SER A 200 -11.84 -12.37 -4.19
N PRO A 201 -11.04 -13.44 -4.41
CA PRO A 201 -9.92 -13.92 -3.57
C PRO A 201 -8.68 -12.99 -3.53
N HIS A 202 -7.57 -13.46 -2.92
CA HIS A 202 -6.42 -12.61 -2.56
C HIS A 202 -5.03 -13.02 -3.16
N PRO A 203 -4.97 -13.22 -4.49
CA PRO A 203 -3.74 -13.60 -5.24
C PRO A 203 -2.83 -12.40 -5.25
N SER A 204 -1.53 -12.66 -5.21
CA SER A 204 -0.48 -11.68 -5.28
C SER A 204 -0.23 -11.47 -6.79
N PRO A 205 0.28 -10.30 -7.24
CA PRO A 205 0.62 -10.17 -8.66
C PRO A 205 1.57 -11.29 -9.16
N LEU A 206 2.41 -11.85 -8.28
CA LEU A 206 3.26 -12.98 -8.70
C LEU A 206 2.53 -14.29 -8.85
N SER A 207 1.28 -14.40 -8.42
CA SER A 207 0.48 -15.57 -8.77
C SER A 207 0.21 -15.63 -10.28
N ALA A 208 0.32 -14.49 -10.95
CA ALA A 208 0.25 -14.50 -12.36
C ALA A 208 -1.00 -15.29 -12.85
N SER A 209 -0.82 -16.36 -13.63
CA SER A 209 -1.96 -16.96 -14.34
C SER A 209 -2.75 -17.93 -13.43
N ARG A 210 -2.25 -18.07 -12.20
CA ARG A 210 -2.90 -18.87 -11.21
C ARG A 210 -3.59 -17.92 -10.24
N GLY A 211 -4.54 -17.16 -10.77
CA GLY A 211 -5.47 -16.34 -9.97
C GLY A 211 -5.45 -14.80 -10.10
N PHE A 212 -4.31 -14.23 -10.50
CA PHE A 212 -4.14 -12.77 -10.51
C PHE A 212 -4.61 -12.24 -11.83
N PHE A 213 -4.15 -12.81 -12.91
CA PHE A 213 -4.55 -12.27 -14.23
C PHE A 213 -6.02 -12.65 -14.49
N GLY A 214 -6.82 -11.67 -14.89
CA GLY A 214 -8.28 -11.76 -14.97
C GLY A 214 -9.03 -11.47 -13.66
N SER A 215 -8.32 -11.10 -12.59
CA SER A 215 -8.98 -10.80 -11.32
C SER A 215 -9.75 -9.46 -11.43
N ARG A 216 -9.49 -8.61 -12.45
CA ARG A 216 -10.20 -7.34 -12.60
C ARG A 216 -10.32 -6.41 -11.39
N PRO A 217 -9.21 -6.18 -10.69
CA PRO A 217 -9.27 -5.40 -9.46
C PRO A 217 -9.75 -3.98 -9.56
N PHE A 218 -9.36 -3.33 -10.66
CA PHE A 218 -9.57 -1.92 -10.89
C PHE A 218 -11.02 -1.62 -11.25
N SER A 219 -11.54 -2.34 -12.22
CA SER A 219 -12.98 -2.22 -12.61
C SER A 219 -13.90 -2.71 -11.49
N ARG A 220 -13.53 -3.79 -10.80
CA ARG A 220 -14.34 -4.21 -9.62
C ARG A 220 -14.39 -3.14 -8.53
N ALA A 221 -13.24 -2.52 -8.24
CA ALA A 221 -13.18 -1.44 -7.22
C ALA A 221 -14.14 -0.34 -7.53
N ASN A 222 -14.11 0.09 -8.79
CA ASN A 222 -14.96 1.14 -9.20
C ASN A 222 -16.45 0.77 -9.14
N GLU A 223 -16.79 -0.40 -9.61
CA GLU A 223 -18.19 -0.87 -9.49
C GLU A 223 -18.70 -0.88 -8.07
N LEU A 224 -17.83 -1.36 -7.17
CA LEU A 224 -18.15 -1.37 -5.74
C LEU A 224 -18.23 0.04 -5.19
N LEU A 225 -17.32 0.92 -5.57
CA LEU A 225 -17.44 2.33 -5.10
C LEU A 225 -18.75 2.98 -5.59
N VAL A 226 -19.00 2.90 -6.90
CA VAL A 226 -20.28 3.43 -7.42
C VAL A 226 -21.48 2.76 -6.72
N GLY A 227 -21.43 1.48 -6.56
CA GLY A 227 -22.48 0.76 -5.82
C GLY A 227 -22.80 1.29 -4.44
N MET A 228 -21.78 1.79 -3.75
CA MET A 228 -21.86 2.30 -2.37
C MET A 228 -22.10 3.84 -2.30
N GLY A 229 -22.28 4.41 -3.49
CA GLY A 229 -22.53 5.81 -3.73
C GLY A 229 -21.28 6.67 -3.73
N ALA A 230 -20.07 6.12 -3.96
CA ALA A 230 -18.86 6.98 -3.94
C ALA A 230 -18.41 7.25 -5.38
N GLU A 231 -17.48 8.19 -5.57
CA GLU A 231 -16.96 8.42 -6.89
C GLU A 231 -15.90 7.31 -7.19
N PRO A 232 -15.85 6.84 -8.44
CA PRO A 232 -14.82 5.89 -8.82
C PRO A 232 -13.41 6.56 -8.89
N ILE A 233 -12.39 5.71 -8.96
CA ILE A 233 -11.05 6.12 -9.14
C ILE A 233 -10.77 6.33 -10.63
N ASP A 234 -10.02 7.40 -10.94
CA ASP A 234 -9.40 7.46 -12.23
C ASP A 234 -8.11 6.68 -12.14
N TRP A 235 -8.05 5.52 -12.80
CA TRP A 235 -6.82 4.69 -12.74
C TRP A 235 -5.76 5.01 -13.74
N ARG A 236 -6.09 5.88 -14.72
CA ARG A 236 -5.23 6.19 -15.83
C ARG A 236 -3.83 6.60 -15.51
N LEU A 237 -2.88 5.91 -16.13
CA LEU A 237 -1.47 6.30 -15.96
C LEU A 237 -0.97 6.83 -17.34
N PRO A 238 -0.16 7.89 -17.32
CA PRO A 238 0.47 8.31 -18.56
C PRO A 238 1.48 7.24 -19.09
CL CL B . 8.63 -8.35 -7.83
CL CL C . 22.47 -5.29 5.17
CL CL D . 10.16 -3.10 -18.48
C1 GOL E . -2.49 -7.43 -21.50
O1 GOL E . -1.56 -8.22 -22.19
C2 GOL E . -3.78 -7.32 -22.30
O2 GOL E . -4.46 -8.59 -22.45
C3 GOL E . -3.44 -6.67 -23.64
O3 GOL E . -4.52 -5.79 -24.05
C1 GOL F . 0.10 16.04 -3.26
O1 GOL F . 1.14 15.16 -3.66
C2 GOL F . -1.13 15.22 -2.92
O2 GOL F . -1.21 15.23 -1.49
C3 GOL F . -2.37 15.76 -3.58
O3 GOL F . -3.41 14.79 -3.44
C1 GOL G . 23.59 -7.86 0.93
O1 GOL G . 22.82 -6.85 0.27
C2 GOL G . 22.90 -8.17 2.26
O2 GOL G . 21.88 -7.18 2.47
C3 GOL G . 22.28 -9.58 2.26
O3 GOL G . 21.99 -10.06 3.58
C1 GOL H . 6.34 -6.53 -3.00
C1 GOL H . 5.29 -6.94 -2.46
O1 GOL H . 6.08 -7.41 -4.10
O1 GOL H . 4.23 -7.59 -1.73
C2 GOL H . 5.49 -5.26 -3.11
C2 GOL H . 4.91 -5.45 -2.54
O2 GOL H . 4.75 -5.00 -1.91
O2 GOL H . 4.49 -5.11 -1.25
C3 GOL H . 6.36 -4.05 -3.38
C3 GOL H . 6.01 -4.50 -3.01
O3 GOL H . 5.96 -2.96 -2.49
O3 GOL H . 5.75 -3.21 -2.41
#